data_2VC1
#
_entry.id   2VC1
#
_cell.length_a   100.925
_cell.length_b   100.925
_cell.length_c   99.143
_cell.angle_alpha   90.00
_cell.angle_beta   90.00
_cell.angle_gamma   90.00
#
_symmetry.space_group_name_H-M   'P 42 21 2'
#
loop_
_entity.id
_entity.type
_entity.pdbx_description
1 polymer 'TRANSCRIPTIONAL REGULATORY PROTEIN'
2 non-polymer METHIONINE
3 water water
#
_entity_poly.entity_id   1
_entity_poly.type   'polypeptide(L)'
_entity_poly.pdbx_seq_one_letter_code
;MNEALDDIDRILVRELAADGRATLSELATRAGLSVSAVQSRVRRLESRGVVQGYSARINPEAVGHLLSAFVAITPLDPSQ
PDDAPARLEHIEEVESCYSVAGEESYVLLVRVASARALEDLLQRIRTTANVRTRSTIILNTFYSDRQHIP
;
_entity_poly.pdbx_strand_id   A,B
#
# COMPACT_ATOMS: atom_id res chain seq x y z
N ALA A 4 20.09 6.31 13.19
CA ALA A 4 20.69 7.44 12.41
C ALA A 4 19.66 8.28 11.55
N LEU A 5 18.69 8.93 12.23
CA LEU A 5 17.58 9.73 11.61
C LEU A 5 17.19 10.99 12.44
N ASP A 6 17.79 12.15 12.15
CA ASP A 6 17.66 13.29 13.10
C ASP A 6 16.26 13.88 13.08
N ASP A 7 16.01 14.93 13.84
CA ASP A 7 14.67 15.50 13.87
C ASP A 7 14.23 16.10 12.55
N ILE A 8 15.20 16.65 11.79
CA ILE A 8 14.88 17.31 10.54
C ILE A 8 14.44 16.26 9.54
N ASP A 9 15.13 15.12 9.54
CA ASP A 9 14.75 14.07 8.66
C ASP A 9 13.37 13.55 9.00
N ARG A 10 13.02 13.54 10.28
CA ARG A 10 11.68 13.13 10.64
C ARG A 10 10.65 14.07 10.05
N ILE A 11 10.88 15.38 10.13
CA ILE A 11 9.86 16.29 9.58
C ILE A 11 9.70 16.10 8.06
N LEU A 12 10.82 15.86 7.39
CA LEU A 12 10.76 15.70 5.95
C LEU A 12 9.94 14.51 5.52
N VAL A 13 10.21 13.32 6.09
CA VAL A 13 9.50 12.09 5.70
C VAL A 13 8.05 12.14 6.15
N ARG A 14 7.77 12.73 7.32
CA ARG A 14 6.39 12.96 7.68
C ARG A 14 5.72 13.78 6.63
N GLU A 15 6.31 14.91 6.24
CA GLU A 15 5.70 15.78 5.21
C GLU A 15 5.59 15.09 3.91
N LEU A 16 6.61 14.33 3.54
CA LEU A 16 6.53 13.74 2.24
C LEU A 16 5.54 12.53 2.20
N ALA A 17 5.25 11.90 3.35
CA ALA A 17 4.21 10.83 3.39
C ALA A 17 2.86 11.44 3.06
N ALA A 18 2.60 12.55 3.76
CA ALA A 18 1.38 13.34 3.67
C ALA A 18 1.35 14.01 2.32
N ASP A 19 2.46 14.50 1.81
CA ASP A 19 2.35 15.10 0.51
C ASP A 19 3.57 14.93 -0.38
N GLY A 20 3.53 14.05 -1.37
CA GLY A 20 4.73 13.66 -2.05
C GLY A 20 5.11 14.53 -3.20
N ARG A 21 4.19 15.41 -3.63
CA ARG A 21 4.41 16.35 -4.74
C ARG A 21 4.84 17.63 -4.09
N ALA A 22 4.95 17.67 -2.78
CA ALA A 22 5.29 18.93 -2.15
C ALA A 22 6.67 19.46 -2.57
N THR A 23 6.81 20.77 -2.53
CA THR A 23 8.02 21.29 -3.17
C THR A 23 9.05 21.74 -2.19
N LEU A 24 10.25 21.75 -2.73
CA LEU A 24 11.41 21.95 -1.93
C LEU A 24 11.24 23.20 -1.09
N SER A 25 10.75 24.31 -1.68
CA SER A 25 10.53 25.50 -0.88
C SER A 25 9.56 25.38 0.30
N GLU A 26 8.42 24.77 0.07
CA GLU A 26 7.45 24.42 1.13
C GLU A 26 8.11 23.60 2.24
N LEU A 27 8.80 22.54 1.83
CA LEU A 27 9.58 21.71 2.75
C LEU A 27 10.58 22.49 3.58
N ALA A 28 11.50 23.17 2.88
CA ALA A 28 12.45 24.17 3.45
C ALA A 28 11.84 25.12 4.50
N THR A 29 10.71 25.75 4.16
CA THR A 29 10.21 26.69 5.13
C THR A 29 9.56 26.02 6.34
N ARG A 30 9.07 24.79 6.13
CA ARG A 30 8.64 23.88 7.22
C ARG A 30 9.74 23.27 8.09
N ALA A 31 10.86 22.85 7.52
CA ALA A 31 11.98 22.37 8.34
C ALA A 31 12.97 23.46 8.87
N GLY A 32 12.72 24.75 8.53
CA GLY A 32 13.66 25.83 8.85
C GLY A 32 14.99 25.72 8.16
N LEU A 33 14.99 25.31 6.88
CA LEU A 33 16.29 25.18 6.12
C LEU A 33 16.31 25.89 4.77
N SER A 34 17.48 26.06 4.20
CA SER A 34 17.58 26.47 2.80
C SER A 34 17.05 25.38 1.81
N VAL A 35 16.56 25.81 0.66
CA VAL A 35 16.05 24.91 -0.33
C VAL A 35 17.14 23.96 -0.72
N SER A 36 18.38 24.38 -0.62
CA SER A 36 19.49 23.46 -0.91
C SER A 36 19.77 22.40 0.12
N ALA A 37 19.69 22.75 1.40
CA ALA A 37 19.96 21.79 2.44
C ALA A 37 18.79 20.82 2.34
N VAL A 38 17.61 21.30 1.95
CA VAL A 38 16.49 20.39 1.77
C VAL A 38 16.75 19.42 0.65
N GLN A 39 17.16 19.89 -0.50
CA GLN A 39 17.38 18.99 -1.58
C GLN A 39 18.35 17.89 -1.24
N SER A 40 19.37 18.30 -0.58
CA SER A 40 20.45 17.47 -0.40
C SER A 40 20.12 16.38 0.66
N ARG A 41 19.50 16.72 1.81
CA ARG A 41 18.86 15.80 2.76
C ARG A 41 17.84 14.85 2.08
N VAL A 42 16.90 15.37 1.26
CA VAL A 42 15.99 14.53 0.54
C VAL A 42 16.79 13.58 -0.32
N ARG A 43 17.82 13.99 -1.05
CA ARG A 43 18.64 12.95 -1.79
C ARG A 43 19.32 11.95 -0.86
N ARG A 44 19.65 12.31 0.38
CA ARG A 44 20.26 11.38 1.26
C ARG A 44 19.23 10.26 1.68
N LEU A 45 18.05 10.67 2.16
CA LEU A 45 16.87 9.85 2.36
C LEU A 45 16.68 8.89 1.24
N GLU A 46 16.64 9.36 0.01
CA GLU A 46 16.42 8.43 -1.06
C GLU A 46 17.56 7.43 -1.31
N SER A 47 18.80 7.79 -1.03
CA SER A 47 19.90 6.91 -1.49
C SER A 47 20.29 5.86 -0.42
N ARG A 48 20.09 6.17 0.88
CA ARG A 48 19.92 5.14 1.90
C ARG A 48 18.54 4.59 1.60
N GLY A 49 17.97 3.79 2.44
CA GLY A 49 16.72 3.32 1.83
C GLY A 49 15.43 3.90 2.32
N VAL A 50 15.47 5.13 2.80
CA VAL A 50 14.34 5.64 3.55
C VAL A 50 13.13 6.00 2.66
N VAL A 51 13.34 6.63 1.54
CA VAL A 51 12.26 6.97 0.69
C VAL A 51 12.46 6.05 -0.54
N GLN A 52 11.44 5.21 -0.82
CA GLN A 52 11.63 4.10 -1.79
C GLN A 52 11.19 4.54 -3.14
N GLY A 53 10.38 5.58 -3.18
CA GLY A 53 10.04 6.24 -4.43
C GLY A 53 8.80 7.02 -4.10
N TYR A 54 8.10 7.50 -5.13
CA TYR A 54 6.95 8.34 -4.90
C TYR A 54 5.86 7.92 -5.85
N SER A 55 4.61 7.91 -5.40
CA SER A 55 3.52 7.36 -6.19
C SER A 55 2.25 8.19 -6.03
N ALA A 56 1.52 8.43 -7.14
CA ALA A 56 0.08 8.88 -7.06
C ALA A 56 -0.77 7.73 -6.46
N ARG A 57 -1.66 8.00 -5.50
CA ARG A 57 -2.61 6.96 -5.02
C ARG A 57 -3.77 6.95 -6.03
N ILE A 58 -3.90 5.85 -6.79
CA ILE A 58 -4.98 5.73 -7.78
C ILE A 58 -6.15 4.91 -7.32
N ASN A 59 -7.34 5.36 -7.63
CA ASN A 59 -8.55 4.63 -7.27
C ASN A 59 -8.67 3.46 -8.17
N PRO A 60 -8.59 2.25 -7.58
CA PRO A 60 -8.51 1.03 -8.39
C PRO A 60 -9.88 0.85 -9.10
N GLU A 61 -10.94 1.17 -8.37
CA GLU A 61 -12.30 1.15 -8.89
C GLU A 61 -12.36 1.94 -10.16
N ALA A 62 -11.89 3.19 -10.09
CA ALA A 62 -11.96 4.11 -11.24
C ALA A 62 -11.18 3.63 -12.44
N VAL A 63 -10.14 2.83 -12.34
CA VAL A 63 -9.48 2.36 -13.56
C VAL A 63 -9.92 0.96 -13.87
N GLY A 64 -11.02 0.52 -13.26
CA GLY A 64 -11.59 -0.77 -13.66
C GLY A 64 -11.24 -2.10 -12.98
N HIS A 65 -10.47 -2.03 -11.88
CA HIS A 65 -10.28 -3.09 -10.87
C HIS A 65 -11.39 -3.04 -9.83
N LEU A 66 -12.51 -3.66 -10.15
CA LEU A 66 -13.64 -3.71 -9.24
C LEU A 66 -13.61 -4.86 -8.21
N LEU A 67 -12.73 -5.87 -8.38
CA LEU A 67 -12.52 -6.95 -7.40
C LEU A 67 -11.06 -6.99 -6.93
N SER A 68 -10.85 -7.07 -5.64
CA SER A 68 -9.56 -7.14 -5.02
C SER A 68 -9.52 -8.33 -4.05
N ALA A 69 -8.36 -8.97 -3.93
CA ALA A 69 -8.34 -10.08 -3.04
C ALA A 69 -6.98 -10.34 -2.41
N PHE A 70 -7.04 -11.03 -1.28
CA PHE A 70 -5.83 -11.50 -0.66
C PHE A 70 -5.69 -12.91 -1.09
N VAL A 71 -4.53 -13.26 -1.59
CA VAL A 71 -4.34 -14.64 -1.91
C VAL A 71 -3.11 -15.15 -1.22
N ALA A 72 -3.33 -16.05 -0.29
CA ALA A 72 -2.27 -16.70 0.45
C ALA A 72 -1.80 -17.95 -0.32
N ILE A 73 -0.49 -18.10 -0.57
CA ILE A 73 -0.03 -19.17 -1.42
C ILE A 73 0.99 -20.01 -0.67
N THR A 74 0.87 -21.32 -0.85
CA THR A 74 1.85 -22.22 -0.28
C THR A 74 2.34 -23.24 -1.33
N PRO A 75 3.66 -23.44 -1.46
CA PRO A 75 4.40 -24.39 -2.41
C PRO A 75 3.89 -25.78 -2.51
N LEU A 76 3.64 -26.23 -3.73
CA LEU A 76 3.18 -27.58 -3.97
C LEU A 76 4.29 -28.59 -3.56
N ASP A 77 5.52 -28.28 -3.87
CA ASP A 77 6.59 -29.05 -3.35
C ASP A 77 7.56 -28.07 -2.72
N PRO A 78 7.52 -28.01 -1.37
CA PRO A 78 8.30 -27.12 -0.42
C PRO A 78 9.83 -27.27 -0.46
N SER A 79 10.31 -28.19 -1.31
CA SER A 79 11.78 -28.36 -1.58
C SER A 79 12.29 -27.79 -2.95
N GLN A 80 11.45 -27.14 -3.76
CA GLN A 80 12.02 -26.35 -4.87
C GLN A 80 12.71 -25.22 -4.08
N PRO A 81 13.73 -24.55 -4.71
CA PRO A 81 14.20 -23.50 -3.75
C PRO A 81 13.18 -22.36 -3.97
N ASP A 82 13.08 -21.45 -3.00
CA ASP A 82 11.91 -20.62 -3.05
C ASP A 82 11.93 -19.37 -3.89
N ASP A 83 10.98 -19.36 -4.80
CA ASP A 83 11.10 -18.70 -6.03
C ASP A 83 9.93 -17.74 -6.29
N ALA A 84 8.86 -17.97 -5.55
CA ALA A 84 7.56 -17.55 -5.92
C ALA A 84 7.48 -16.06 -6.06
N PRO A 85 8.04 -15.30 -5.10
CA PRO A 85 8.03 -13.85 -5.38
C PRO A 85 8.65 -13.47 -6.74
N ALA A 86 9.79 -14.08 -7.10
CA ALA A 86 10.51 -13.75 -8.38
C ALA A 86 9.64 -14.09 -9.54
N ARG A 87 9.13 -15.32 -9.58
CA ARG A 87 8.30 -15.74 -10.69
C ARG A 87 6.94 -15.04 -10.79
N LEU A 88 6.41 -14.45 -9.71
CA LEU A 88 5.05 -13.84 -9.80
C LEU A 88 5.16 -12.40 -10.16
N GLU A 89 6.40 -11.95 -10.23
CA GLU A 89 6.71 -10.52 -10.32
C GLU A 89 6.23 -9.93 -11.61
N HIS A 90 5.96 -10.79 -12.54
CA HIS A 90 5.64 -10.40 -13.85
C HIS A 90 4.15 -10.58 -14.20
N ILE A 91 3.35 -10.90 -13.17
CA ILE A 91 1.90 -10.87 -13.26
C ILE A 91 1.52 -9.49 -12.83
N GLU A 92 1.05 -8.73 -13.79
CA GLU A 92 0.88 -7.32 -13.56
C GLU A 92 -0.14 -7.14 -12.50
N GLU A 93 -1.08 -8.06 -12.40
CA GLU A 93 -2.12 -7.85 -11.40
C GLU A 93 -1.80 -8.24 -9.98
N VAL A 94 -0.59 -8.72 -9.73
CA VAL A 94 -0.22 -8.79 -8.35
C VAL A 94 0.43 -7.53 -7.82
N GLU A 95 -0.23 -6.86 -6.91
CA GLU A 95 0.24 -5.60 -6.43
C GLU A 95 1.22 -5.73 -5.27
N SER A 96 1.15 -6.81 -4.47
CA SER A 96 2.03 -6.99 -3.28
C SER A 96 2.25 -8.42 -3.02
N CYS A 97 3.33 -8.70 -2.34
CA CYS A 97 3.81 -10.04 -2.12
C CYS A 97 4.68 -9.97 -0.85
N TYR A 98 4.15 -10.63 0.20
CA TYR A 98 4.80 -10.74 1.46
C TYR A 98 5.03 -12.19 1.84
N SER A 99 6.13 -12.44 2.53
CA SER A 99 6.28 -13.77 3.05
C SER A 99 5.84 -13.67 4.49
N VAL A 100 5.42 -14.79 5.06
CA VAL A 100 4.49 -14.70 6.19
C VAL A 100 4.75 -15.90 7.13
N ALA A 101 4.64 -15.76 8.45
CA ALA A 101 4.80 -16.93 9.33
C ALA A 101 3.47 -17.66 9.37
N GLY A 102 3.42 -18.96 9.68
CA GLY A 102 2.24 -19.76 9.73
C GLY A 102 2.10 -20.86 8.67
N GLU A 103 0.86 -21.22 8.32
CA GLU A 103 0.60 -22.43 7.59
C GLU A 103 0.96 -22.16 6.15
N GLU A 104 0.73 -20.94 5.68
CA GLU A 104 1.03 -20.48 4.27
C GLU A 104 2.37 -19.80 4.13
N SER A 105 2.90 -19.63 2.89
CA SER A 105 4.22 -18.90 2.71
C SER A 105 4.22 -17.47 2.26
N TYR A 106 3.30 -17.10 1.35
CA TYR A 106 3.20 -15.72 1.00
C TYR A 106 1.78 -15.32 0.93
N VAL A 107 1.53 -14.02 1.14
CA VAL A 107 0.25 -13.44 0.96
C VAL A 107 0.43 -12.43 -0.21
N LEU A 108 -0.48 -12.49 -1.21
CA LEU A 108 -0.46 -11.55 -2.31
C LEU A 108 -1.72 -10.68 -2.20
N LEU A 109 -1.57 -9.43 -2.59
CA LEU A 109 -2.76 -8.65 -2.82
C LEU A 109 -2.83 -8.50 -4.32
N VAL A 110 -4.01 -8.76 -4.84
CA VAL A 110 -4.26 -8.96 -6.25
C VAL A 110 -5.51 -8.13 -6.63
N ARG A 111 -5.53 -7.53 -7.82
CA ARG A 111 -6.72 -6.72 -8.27
C ARG A 111 -7.09 -7.04 -9.71
N VAL A 112 -8.36 -7.04 -10.00
CA VAL A 112 -8.80 -7.76 -11.17
C VAL A 112 -10.14 -7.14 -11.54
N ALA A 113 -10.55 -7.36 -12.74
CA ALA A 113 -11.80 -6.80 -13.27
C ALA A 113 -13.08 -7.39 -12.73
N SER A 114 -13.11 -8.71 -12.43
CA SER A 114 -14.38 -9.38 -12.11
C SER A 114 -14.17 -10.74 -11.53
N ALA A 115 -15.26 -11.36 -11.12
CA ALA A 115 -15.18 -12.70 -10.63
C ALA A 115 -14.52 -13.58 -11.67
N ARG A 116 -14.94 -13.52 -12.91
CA ARG A 116 -14.33 -14.44 -13.86
C ARG A 116 -12.88 -14.16 -14.09
N ALA A 117 -12.48 -12.89 -14.11
CA ALA A 117 -11.06 -12.58 -14.26
C ALA A 117 -10.25 -13.11 -13.04
N LEU A 118 -10.84 -13.06 -11.82
CA LEU A 118 -10.17 -13.67 -10.71
C LEU A 118 -9.96 -15.15 -10.91
N GLU A 119 -10.94 -15.87 -11.46
CA GLU A 119 -10.57 -17.27 -11.67
C GLU A 119 -9.45 -17.60 -12.63
N ASP A 120 -9.28 -16.75 -13.64
CA ASP A 120 -8.26 -16.97 -14.57
C ASP A 120 -6.91 -16.65 -13.91
N LEU A 121 -6.89 -15.66 -13.00
CA LEU A 121 -5.62 -15.21 -12.37
C LEU A 121 -5.21 -16.26 -11.38
N LEU A 122 -6.19 -16.87 -10.73
CA LEU A 122 -5.81 -17.88 -9.74
C LEU A 122 -5.13 -19.08 -10.43
N GLN A 123 -5.70 -19.44 -11.59
CA GLN A 123 -5.00 -20.46 -12.43
C GLN A 123 -3.62 -20.05 -12.79
N ARG A 124 -3.41 -18.83 -13.29
CA ARG A 124 -2.05 -18.37 -13.62
C ARG A 124 -1.13 -18.40 -12.46
N ILE A 125 -1.57 -17.87 -11.32
CA ILE A 125 -0.84 -18.05 -10.10
C ILE A 125 -0.47 -19.54 -9.79
N ARG A 126 -1.46 -20.45 -9.82
CA ARG A 126 -1.26 -21.84 -9.32
C ARG A 126 -0.16 -22.37 -10.21
N THR A 127 -0.23 -21.97 -11.46
CA THR A 127 0.71 -22.57 -12.36
C THR A 127 2.01 -21.88 -12.41
N THR A 128 2.06 -20.57 -12.47
CA THR A 128 3.35 -19.96 -12.49
C THR A 128 4.18 -20.15 -11.22
N ALA A 129 3.63 -20.20 -10.00
CA ALA A 129 4.57 -20.46 -8.86
C ALA A 129 4.48 -21.88 -8.33
N ASN A 130 3.56 -22.67 -8.90
CA ASN A 130 3.40 -24.05 -8.50
C ASN A 130 3.05 -24.16 -6.99
N VAL A 131 1.85 -23.70 -6.66
CA VAL A 131 1.56 -23.18 -5.36
C VAL A 131 0.07 -23.54 -5.16
N ARG A 132 -0.39 -23.83 -3.94
CA ARG A 132 -1.85 -23.81 -3.81
C ARG A 132 -2.33 -22.46 -3.34
N THR A 133 -3.61 -22.12 -3.51
CA THR A 133 -4.01 -20.74 -3.18
C THR A 133 -5.12 -20.71 -2.14
N ARG A 134 -5.16 -19.75 -1.25
CA ARG A 134 -6.41 -19.58 -0.47
C ARG A 134 -6.80 -18.09 -0.71
N SER A 135 -8.04 -17.82 -1.13
CA SER A 135 -8.45 -16.47 -1.59
C SER A 135 -9.32 -15.85 -0.58
N THR A 136 -9.12 -14.56 -0.29
CA THR A 136 -10.03 -13.79 0.56
C THR A 136 -10.32 -12.49 -0.13
N ILE A 137 -11.54 -12.42 -0.67
CA ILE A 137 -12.05 -11.27 -1.47
C ILE A 137 -12.28 -10.14 -0.50
N ILE A 138 -11.83 -8.96 -0.89
CA ILE A 138 -12.08 -7.80 -0.11
C ILE A 138 -13.43 -7.22 -0.47
N LEU A 139 -14.26 -6.83 0.50
CA LEU A 139 -15.65 -6.36 0.19
C LEU A 139 -15.66 -4.87 0.09
N ASN A 140 -14.82 -4.24 0.93
CA ASN A 140 -14.63 -2.83 1.05
C ASN A 140 -13.30 -2.39 1.72
N THR A 141 -12.60 -1.39 1.19
CA THR A 141 -11.43 -0.78 1.86
C THR A 141 -11.89 0.42 2.69
N PHE A 142 -11.71 0.48 4.01
CA PHE A 142 -12.08 1.65 4.76
C PHE A 142 -11.04 2.77 4.73
N TYR A 143 -9.76 2.41 4.67
CA TYR A 143 -8.61 3.35 4.60
C TYR A 143 -7.41 2.48 4.30
N SER A 144 -6.40 3.01 3.61
CA SER A 144 -5.19 2.20 3.43
C SER A 144 -3.95 3.05 3.33
N ASP A 145 -2.78 2.44 3.27
CA ASP A 145 -1.52 3.22 3.29
C ASP A 145 -1.55 4.38 4.25
N ARG A 146 -1.98 4.24 5.46
CA ARG A 146 -1.83 5.41 6.18
C ARG A 146 -0.55 5.36 6.99
N GLN A 147 0.56 5.86 6.43
CA GLN A 147 1.94 5.62 6.95
C GLN A 147 2.14 6.40 8.21
N HIS A 148 2.66 5.80 9.26
CA HIS A 148 2.82 6.44 10.57
C HIS A 148 4.30 6.69 10.83
N ILE A 149 4.64 7.98 10.98
CA ILE A 149 6.03 8.32 11.33
C ILE A 149 6.05 8.78 12.77
N PRO A 150 6.63 7.93 13.65
CA PRO A 150 6.54 8.09 15.13
C PRO A 150 7.40 9.26 15.68
N ALA B 4 -16.07 6.70 -19.09
CA ALA B 4 -15.02 7.71 -19.51
C ALA B 4 -13.67 7.61 -18.73
N LEU B 5 -12.61 7.23 -19.44
CA LEU B 5 -11.23 7.44 -19.03
C LEU B 5 -10.41 7.48 -20.33
N ASP B 6 -10.52 8.63 -20.99
CA ASP B 6 -9.77 8.93 -22.22
C ASP B 6 -8.35 8.43 -22.04
N ASP B 7 -7.96 7.41 -22.80
CA ASP B 7 -6.62 6.86 -22.60
C ASP B 7 -5.44 7.80 -22.97
N ILE B 8 -5.69 9.11 -23.04
CA ILE B 8 -4.60 10.03 -22.71
C ILE B 8 -4.44 9.97 -21.16
N ASP B 9 -5.56 10.10 -20.41
CA ASP B 9 -5.59 9.93 -18.93
C ASP B 9 -4.93 8.63 -18.38
N ARG B 10 -5.10 7.49 -19.06
CA ARG B 10 -4.34 6.30 -18.71
C ARG B 10 -2.82 6.55 -18.68
N ILE B 11 -2.25 7.18 -19.71
CA ILE B 11 -0.78 7.33 -19.75
C ILE B 11 -0.35 8.28 -18.62
N LEU B 12 -1.19 9.27 -18.34
CA LEU B 12 -0.97 10.18 -17.21
C LEU B 12 -0.84 9.43 -15.87
N VAL B 13 -1.83 8.56 -15.59
CA VAL B 13 -1.85 7.76 -14.39
C VAL B 13 -0.82 6.63 -14.42
N ARG B 14 -0.51 6.01 -15.55
CA ARG B 14 0.57 5.02 -15.52
C ARG B 14 1.83 5.73 -15.07
N GLU B 15 2.00 6.96 -15.59
CA GLU B 15 3.14 7.85 -15.35
C GLU B 15 3.25 8.35 -13.92
N LEU B 16 2.14 8.85 -13.41
CA LEU B 16 2.06 9.33 -12.07
C LEU B 16 2.18 8.21 -11.05
N ALA B 17 1.79 6.99 -11.44
CA ALA B 17 1.79 5.84 -10.54
C ALA B 17 3.20 5.41 -10.26
N ALA B 18 4.01 5.29 -11.29
CA ALA B 18 5.43 5.00 -11.17
C ALA B 18 6.29 6.16 -10.68
N ASP B 19 5.89 7.41 -10.95
CA ASP B 19 6.63 8.62 -10.55
C ASP B 19 5.75 9.72 -10.04
N GLY B 20 5.53 9.75 -8.76
CA GLY B 20 4.67 10.77 -8.20
C GLY B 20 5.18 12.20 -8.19
N ARG B 21 6.49 12.39 -8.40
CA ARG B 21 7.11 13.71 -8.57
C ARG B 21 7.42 14.05 -10.02
N ALA B 22 7.27 13.10 -10.94
CA ALA B 22 7.24 13.45 -12.39
C ALA B 22 6.59 14.82 -12.54
N THR B 23 7.17 15.67 -13.39
CA THR B 23 6.78 17.09 -13.41
C THR B 23 5.82 17.48 -14.50
N LEU B 24 4.92 18.44 -14.20
CA LEU B 24 3.81 18.75 -15.13
C LEU B 24 4.46 19.03 -16.50
N SER B 25 5.67 19.60 -16.44
CA SER B 25 6.62 19.71 -17.56
C SER B 25 7.02 18.32 -18.24
N GLU B 26 8.16 17.68 -17.89
CA GLU B 26 8.60 16.32 -18.38
C GLU B 26 7.49 15.24 -18.56
N LEU B 27 6.33 15.39 -17.89
CA LEU B 27 5.16 14.54 -18.18
C LEU B 27 4.81 14.71 -19.64
N ALA B 28 4.15 15.84 -19.97
CA ALA B 28 3.85 16.36 -21.36
C ALA B 28 4.64 15.86 -22.60
N THR B 29 5.97 15.73 -22.48
CA THR B 29 6.78 15.02 -23.52
C THR B 29 6.55 13.48 -23.59
N ARG B 30 6.92 12.72 -22.53
CA ARG B 30 6.43 11.32 -22.42
C ARG B 30 4.92 11.14 -22.94
N ALA B 31 4.07 12.20 -22.87
CA ALA B 31 2.62 12.11 -23.23
C ALA B 31 2.05 12.78 -24.53
N GLY B 32 2.89 13.38 -25.44
CA GLY B 32 2.35 14.08 -26.67
C GLY B 32 1.26 15.20 -26.48
N LEU B 33 1.28 15.89 -25.32
CA LEU B 33 0.43 17.11 -25.11
C LEU B 33 1.24 18.49 -24.87
N SER B 34 0.48 19.58 -24.59
CA SER B 34 1.07 20.90 -24.10
C SER B 34 1.21 20.88 -22.57
N VAL B 35 2.17 21.66 -22.04
CA VAL B 35 2.31 21.93 -20.57
C VAL B 35 1.00 22.35 -19.81
N SER B 36 0.03 22.83 -20.58
CA SER B 36 -1.17 23.47 -20.02
C SER B 36 -2.37 22.51 -20.15
N ALA B 37 -2.47 21.88 -21.33
CA ALA B 37 -3.28 20.67 -21.51
C ALA B 37 -2.98 19.60 -20.39
N VAL B 38 -1.69 19.25 -20.16
CA VAL B 38 -1.26 18.15 -19.23
C VAL B 38 -1.66 18.47 -17.79
N GLN B 39 -1.42 19.71 -17.39
CA GLN B 39 -1.68 20.14 -16.05
C GLN B 39 -3.16 20.19 -15.72
N SER B 40 -3.95 20.17 -16.76
CA SER B 40 -5.35 20.48 -16.60
C SER B 40 -6.18 19.30 -16.08
N ARG B 41 -6.24 18.25 -16.90
CA ARG B 41 -6.68 16.89 -16.56
C ARG B 41 -6.25 16.44 -15.14
N VAL B 42 -4.95 16.50 -14.86
CA VAL B 42 -4.41 16.15 -13.54
C VAL B 42 -5.29 16.80 -12.49
N ARG B 43 -5.70 18.05 -12.71
CA ARG B 43 -6.52 18.77 -11.73
C ARG B 43 -7.96 18.23 -11.72
N ARG B 44 -8.41 17.75 -12.89
CA ARG B 44 -9.76 17.11 -13.02
C ARG B 44 -9.70 15.60 -12.68
N LEU B 45 -8.54 14.98 -12.92
CA LEU B 45 -8.23 13.63 -12.42
C LEU B 45 -8.31 13.55 -10.92
N GLU B 46 -7.90 14.62 -10.22
CA GLU B 46 -7.93 14.63 -8.75
C GLU B 46 -9.31 15.02 -8.26
N SER B 47 -9.94 15.87 -9.06
CA SER B 47 -11.30 16.35 -8.80
C SER B 47 -12.34 15.19 -8.77
N ARG B 48 -12.66 14.61 -9.96
CA ARG B 48 -13.19 13.23 -10.07
C ARG B 48 -12.21 12.36 -9.18
N GLY B 49 -12.66 11.61 -8.17
CA GLY B 49 -11.64 10.99 -7.26
C GLY B 49 -10.76 9.84 -7.80
N VAL B 50 -9.94 10.08 -8.82
CA VAL B 50 -9.14 9.06 -9.50
C VAL B 50 -7.69 9.07 -8.97
N VAL B 51 -7.13 10.25 -8.69
CA VAL B 51 -5.88 10.31 -8.00
C VAL B 51 -6.21 10.95 -6.69
N GLN B 52 -6.12 10.16 -5.64
CA GLN B 52 -6.60 10.56 -4.32
C GLN B 52 -5.57 11.25 -3.49
N GLY B 53 -4.36 11.40 -3.99
CA GLY B 53 -3.23 11.84 -3.18
C GLY B 53 -1.89 11.46 -3.78
N TYR B 54 -0.81 12.01 -3.20
CA TYR B 54 0.57 11.78 -3.65
C TYR B 54 1.40 11.35 -2.44
N SER B 55 2.12 10.22 -2.44
CA SER B 55 2.82 9.84 -1.19
C SER B 55 4.25 9.41 -1.49
N ALA B 56 5.17 9.60 -0.56
CA ALA B 56 6.44 9.06 -0.68
C ALA B 56 6.23 7.77 0.05
N ARG B 57 6.90 6.74 -0.44
CA ARG B 57 6.85 5.41 0.12
C ARG B 57 7.94 5.29 1.10
N ILE B 58 7.58 5.37 2.36
CA ILE B 58 8.57 5.23 3.37
C ILE B 58 8.83 3.79 3.75
N ASN B 59 10.10 3.44 3.83
CA ASN B 59 10.53 2.22 4.43
C ASN B 59 10.18 2.10 5.92
N PRO B 60 9.39 1.09 6.28
CA PRO B 60 9.02 1.05 7.67
C PRO B 60 10.08 0.57 8.61
N GLU B 61 11.05 -0.30 8.24
CA GLU B 61 12.07 -0.55 9.26
C GLU B 61 12.84 0.67 9.63
N ALA B 62 13.14 1.49 8.62
CA ALA B 62 14.05 2.63 8.75
C ALA B 62 13.48 3.66 9.61
N VAL B 63 12.22 3.57 9.94
CA VAL B 63 11.54 4.51 10.81
C VAL B 63 11.17 3.87 12.16
N GLY B 64 11.77 2.68 12.43
CA GLY B 64 11.49 1.90 13.67
C GLY B 64 10.38 0.83 13.77
N HIS B 65 9.72 0.60 12.64
CA HIS B 65 8.66 -0.38 12.56
C HIS B 65 9.28 -1.70 12.09
N LEU B 66 9.80 -2.46 13.06
CA LEU B 66 10.55 -3.69 12.77
C LEU B 66 9.63 -4.96 12.66
N LEU B 67 8.38 -4.83 13.08
CA LEU B 67 7.49 -5.92 12.95
C LEU B 67 6.19 -5.38 12.37
N SER B 68 5.77 -6.01 11.26
CA SER B 68 4.50 -5.84 10.58
C SER B 68 3.64 -7.11 10.63
N ALA B 69 2.31 -6.98 10.64
CA ALA B 69 1.36 -8.16 10.79
C ALA B 69 0.06 -7.88 10.10
N PHE B 70 -0.57 -8.89 9.53
CA PHE B 70 -1.98 -8.73 9.16
C PHE B 70 -2.70 -9.16 10.41
N VAL B 71 -3.75 -8.46 10.79
CA VAL B 71 -4.43 -8.90 11.97
C VAL B 71 -5.87 -9.03 11.56
N ALA B 72 -6.42 -10.20 11.74
CA ALA B 72 -7.72 -10.48 11.22
C ALA B 72 -8.62 -10.32 12.43
N ILE B 73 -9.68 -9.57 12.34
CA ILE B 73 -10.56 -9.42 13.50
C ILE B 73 -11.99 -9.74 13.18
N THR B 74 -12.72 -10.12 14.19
CA THR B 74 -14.15 -10.44 14.09
C THR B 74 -14.80 -9.94 15.40
N PRO B 75 -15.87 -9.13 15.31
CA PRO B 75 -16.61 -8.62 16.52
C PRO B 75 -17.21 -9.72 17.44
N LEU B 76 -17.16 -9.52 18.74
CA LEU B 76 -17.50 -10.60 19.68
C LEU B 76 -19.00 -10.71 19.89
N ASP B 77 -19.68 -9.55 19.81
CA ASP B 77 -21.07 -9.47 20.05
C ASP B 77 -21.86 -8.99 18.81
N PRO B 78 -22.59 -9.90 18.14
CA PRO B 78 -23.29 -9.45 16.91
C PRO B 78 -24.58 -8.61 17.16
N SER B 79 -24.93 -8.41 18.42
CA SER B 79 -26.09 -7.57 18.65
C SER B 79 -25.68 -6.08 18.74
N GLN B 80 -24.40 -5.71 18.79
CA GLN B 80 -24.02 -4.30 18.78
C GLN B 80 -23.80 -3.86 17.34
N PRO B 81 -23.93 -2.54 17.06
CA PRO B 81 -23.50 -2.11 15.76
C PRO B 81 -22.05 -2.50 15.49
N ASP B 82 -21.83 -2.98 14.30
CA ASP B 82 -20.51 -3.32 13.80
C ASP B 82 -19.80 -2.10 13.21
N ASP B 83 -19.01 -1.37 14.04
CA ASP B 83 -18.38 -0.07 13.70
C ASP B 83 -16.80 -0.07 13.91
N ALA B 84 -16.25 -1.29 13.88
CA ALA B 84 -14.88 -1.48 14.22
C ALA B 84 -13.89 -0.62 13.42
N PRO B 85 -14.05 -0.46 12.08
CA PRO B 85 -13.11 0.53 11.43
C PRO B 85 -13.15 1.92 12.03
N ALA B 86 -14.33 2.48 12.27
CA ALA B 86 -14.47 3.76 12.96
C ALA B 86 -13.79 3.75 14.36
N ARG B 87 -14.08 2.76 15.19
CA ARG B 87 -13.32 2.70 16.41
C ARG B 87 -11.84 2.50 16.37
N LEU B 88 -11.31 1.87 15.34
CA LEU B 88 -9.88 1.61 15.37
C LEU B 88 -9.18 2.72 14.70
N GLU B 89 -9.94 3.58 14.06
CA GLU B 89 -9.34 4.58 13.19
C GLU B 89 -8.34 5.50 13.93
N HIS B 90 -8.60 5.80 15.20
CA HIS B 90 -7.76 6.66 15.95
C HIS B 90 -6.48 5.97 16.31
N ILE B 91 -6.47 4.62 16.42
CA ILE B 91 -5.25 3.91 16.72
C ILE B 91 -4.29 3.94 15.45
N GLU B 92 -3.13 4.58 15.58
CA GLU B 92 -2.38 5.03 14.43
C GLU B 92 -1.52 4.00 13.87
N GLU B 93 -1.13 3.02 14.68
CA GLU B 93 -0.37 1.97 14.02
C GLU B 93 -1.20 1.07 13.13
N VAL B 94 -2.52 1.26 13.05
CA VAL B 94 -3.22 0.56 11.99
C VAL B 94 -3.14 1.31 10.69
N GLU B 95 -2.42 0.78 9.74
CA GLU B 95 -2.26 1.39 8.47
C GLU B 95 -3.41 1.11 7.49
N SER B 96 -4.11 -0.02 7.53
CA SER B 96 -5.09 -0.32 6.50
C SER B 96 -6.17 -1.12 7.15
N CYS B 97 -7.42 -1.00 6.68
CA CYS B 97 -8.47 -1.80 7.23
C CYS B 97 -9.50 -2.20 6.14
N TYR B 98 -9.72 -3.50 5.98
CA TYR B 98 -10.58 -4.00 4.89
C TYR B 98 -11.69 -4.84 5.45
N SER B 99 -12.91 -4.73 4.93
CA SER B 99 -13.84 -5.80 5.25
C SER B 99 -13.57 -6.88 4.25
N VAL B 100 -13.81 -8.10 4.68
CA VAL B 100 -13.28 -9.24 3.90
C VAL B 100 -14.38 -10.31 3.84
N ALA B 101 -14.32 -11.22 2.86
CA ALA B 101 -15.26 -12.41 2.78
C ALA B 101 -14.43 -13.60 3.02
N GLY B 102 -14.45 -14.07 4.24
CA GLY B 102 -13.52 -15.05 4.74
C GLY B 102 -13.97 -15.67 6.03
N GLU B 103 -12.98 -16.01 6.90
CA GLU B 103 -13.29 -16.48 8.29
C GLU B 103 -13.54 -15.32 9.28
N GLU B 104 -12.80 -14.24 9.08
CA GLU B 104 -12.85 -13.02 9.86
C GLU B 104 -13.73 -11.93 9.16
N SER B 105 -14.08 -10.84 9.86
CA SER B 105 -14.83 -9.82 9.24
C SER B 105 -13.89 -8.80 8.64
N TYR B 106 -12.73 -8.56 9.27
CA TYR B 106 -11.84 -7.55 8.74
C TYR B 106 -10.42 -8.03 8.75
N VAL B 107 -9.57 -7.47 7.85
CA VAL B 107 -8.13 -7.60 7.94
C VAL B 107 -7.52 -6.22 8.22
N LEU B 108 -6.56 -6.12 9.17
CA LEU B 108 -5.79 -4.88 9.34
C LEU B 108 -4.36 -5.13 8.91
N LEU B 109 -3.70 -4.14 8.35
CA LEU B 109 -2.24 -4.24 8.31
C LEU B 109 -1.77 -3.28 9.37
N VAL B 110 -0.81 -3.72 10.15
CA VAL B 110 -0.45 -3.05 11.40
C VAL B 110 1.09 -3.04 11.44
N ARG B 111 1.68 -1.95 11.89
CA ARG B 111 3.19 -2.00 12.09
C ARG B 111 3.58 -1.56 13.45
N VAL B 112 4.69 -2.04 13.95
CA VAL B 112 4.90 -2.00 15.38
C VAL B 112 6.42 -2.17 15.57
N ALA B 113 6.84 -1.82 16.77
CA ALA B 113 8.30 -1.77 17.06
C ALA B 113 8.92 -3.14 17.28
N SER B 114 8.17 -4.06 17.90
CA SER B 114 8.72 -5.38 18.24
C SER B 114 7.58 -6.35 18.48
N ALA B 115 7.90 -7.65 18.62
CA ALA B 115 6.92 -8.69 19.07
C ALA B 115 6.15 -8.23 20.33
N ARG B 116 6.87 -7.57 21.16
CA ARG B 116 6.24 -7.27 22.40
C ARG B 116 5.23 -6.14 22.31
N ALA B 117 5.63 -5.08 21.64
CA ALA B 117 4.74 -4.02 21.23
C ALA B 117 3.50 -4.58 20.47
N LEU B 118 3.65 -5.62 19.62
CA LEU B 118 2.44 -6.22 19.02
C LEU B 118 1.46 -6.73 20.02
N GLU B 119 1.96 -7.37 21.07
CA GLU B 119 1.06 -7.93 22.03
C GLU B 119 0.25 -6.82 22.69
N ASP B 120 0.91 -5.76 23.04
CA ASP B 120 0.23 -4.59 23.43
C ASP B 120 -0.78 -4.06 22.49
N LEU B 121 -0.42 -3.92 21.22
CA LEU B 121 -1.33 -3.32 20.31
C LEU B 121 -2.60 -4.18 20.18
N LEU B 122 -2.46 -5.49 20.29
CA LEU B 122 -3.57 -6.40 20.10
C LEU B 122 -4.55 -6.32 21.25
N GLN B 123 -4.07 -6.20 22.48
CA GLN B 123 -4.91 -5.97 23.65
C GLN B 123 -5.74 -4.64 23.50
N ARG B 124 -5.05 -3.62 23.03
CA ARG B 124 -5.67 -2.39 22.73
C ARG B 124 -6.74 -2.59 21.64
N ILE B 125 -6.42 -3.25 20.52
CA ILE B 125 -7.45 -3.55 19.51
C ILE B 125 -8.66 -4.31 20.07
N ARG B 126 -8.40 -5.34 20.81
CA ARG B 126 -9.47 -6.12 21.42
C ARG B 126 -10.39 -5.29 22.28
N THR B 127 -9.86 -4.46 23.17
CA THR B 127 -10.73 -3.68 24.14
C THR B 127 -11.31 -2.44 23.47
N THR B 128 -10.56 -1.71 22.64
CA THR B 128 -11.21 -0.65 21.88
C THR B 128 -12.29 -1.05 20.82
N ALA B 129 -12.08 -1.88 19.79
CA ALA B 129 -13.23 -2.37 18.96
C ALA B 129 -13.78 -3.46 19.82
N ASN B 130 -14.70 -4.34 19.51
CA ASN B 130 -14.79 -5.38 20.63
C ASN B 130 -14.58 -6.79 20.07
N VAL B 131 -13.32 -7.12 19.85
CA VAL B 131 -13.10 -8.12 18.76
C VAL B 131 -12.18 -9.25 19.13
N ARG B 132 -12.26 -10.42 18.52
CA ARG B 132 -11.15 -11.36 18.68
C ARG B 132 -10.07 -11.08 17.60
N THR B 133 -8.80 -11.31 17.89
CA THR B 133 -7.75 -10.98 16.90
C THR B 133 -7.06 -12.26 16.44
N ARG B 134 -6.67 -12.38 15.18
CA ARG B 134 -5.90 -13.56 14.83
C ARG B 134 -4.82 -12.99 13.96
N SER B 135 -3.58 -13.15 14.36
CA SER B 135 -2.65 -12.37 13.62
C SER B 135 -1.51 -13.09 12.91
N THR B 136 -1.03 -12.53 11.76
CA THR B 136 -0.10 -13.21 10.83
C THR B 136 1.11 -12.29 10.59
N ILE B 137 2.26 -12.64 11.15
CA ILE B 137 3.45 -11.87 11.05
C ILE B 137 4.00 -11.94 9.64
N ILE B 138 4.30 -10.74 9.10
CA ILE B 138 4.98 -10.59 7.84
C ILE B 138 6.50 -10.74 8.13
N LEU B 139 7.21 -11.59 7.35
CA LEU B 139 8.65 -11.74 7.53
C LEU B 139 9.39 -10.75 6.59
N ASN B 140 8.83 -10.51 5.41
CA ASN B 140 9.52 -9.78 4.41
C ASN B 140 8.53 -9.30 3.38
N THR B 141 8.70 -8.07 2.89
CA THR B 141 7.92 -7.48 1.84
C THR B 141 8.71 -7.52 0.53
N PHE B 142 8.33 -8.28 -0.50
CA PHE B 142 9.18 -8.38 -1.67
C PHE B 142 8.88 -7.15 -2.55
N TYR B 143 7.62 -6.74 -2.56
CA TYR B 143 7.16 -5.60 -3.29
C TYR B 143 5.79 -5.29 -2.84
N SER B 144 5.49 -4.02 -2.86
CA SER B 144 4.39 -3.51 -2.20
C SER B 144 3.85 -2.45 -3.17
N ASP B 145 2.54 -2.34 -3.24
CA ASP B 145 1.87 -1.33 -4.06
C ASP B 145 2.31 -1.14 -5.51
N ARG B 146 2.65 -2.17 -6.28
CA ARG B 146 2.90 -1.90 -7.67
C ARG B 146 1.56 -1.84 -8.33
N GLN B 147 0.95 -0.65 -8.41
CA GLN B 147 -0.27 -0.26 -9.18
C GLN B 147 -0.18 -0.55 -10.67
N HIS B 148 -1.20 -1.19 -11.19
CA HIS B 148 -1.28 -1.64 -12.56
C HIS B 148 -2.46 -0.91 -13.18
N ILE B 149 -2.24 -0.22 -14.33
CA ILE B 149 -3.29 0.49 -15.07
C ILE B 149 -3.50 -0.20 -16.42
N PRO B 150 -4.66 -0.89 -16.58
CA PRO B 150 -4.90 -1.78 -17.74
C PRO B 150 -4.37 -1.30 -19.12
#